data_2KHK
#
_entry.id   2KHK
#
_entity_poly.entity_id   1
_entity_poly.type   'polypeptide(L)'
_entity_poly.pdbx_seq_one_letter_code
;MAAIEKRQKEIADGLASAERAHKDLDLAKASATDQLKKAKAEAQVIIEQANKR
;
_entity_poly.pdbx_strand_id   A
#
# COMPACT_ATOMS: atom_id res chain seq x y z
N MET A 1 2.64 -26.13 -12.60
CA MET A 1 2.64 -25.10 -13.62
C MET A 1 3.78 -24.11 -13.41
N ALA A 2 4.10 -23.83 -12.15
CA ALA A 2 5.18 -22.92 -11.81
C ALA A 2 6.48 -23.66 -11.57
N ALA A 3 6.48 -24.53 -10.55
CA ALA A 3 7.66 -25.31 -10.22
C ALA A 3 7.65 -26.66 -10.92
N ILE A 4 8.56 -26.84 -11.86
CA ILE A 4 8.66 -28.08 -12.62
C ILE A 4 9.16 -29.22 -11.73
N GLU A 5 10.41 -29.11 -11.28
CA GLU A 5 11.01 -30.13 -10.43
C GLU A 5 12.26 -29.59 -9.75
N LYS A 6 12.16 -28.41 -9.16
CA LYS A 6 13.29 -27.79 -8.48
C LYS A 6 12.81 -26.73 -7.49
N ARG A 7 12.71 -27.11 -6.22
CA ARG A 7 12.27 -26.19 -5.19
C ARG A 7 12.41 -26.82 -3.81
N GLN A 8 12.89 -26.04 -2.84
CA GLN A 8 13.06 -26.53 -1.48
C GLN A 8 12.20 -25.73 -0.50
N LYS A 9 12.56 -24.47 -0.30
CA LYS A 9 11.82 -23.60 0.61
C LYS A 9 10.98 -22.59 -0.16
N GLU A 10 9.72 -22.92 -0.39
CA GLU A 10 8.82 -22.04 -1.12
C GLU A 10 8.31 -20.92 -0.22
N ILE A 11 8.22 -21.19 1.07
CA ILE A 11 7.75 -20.21 2.04
C ILE A 11 8.51 -18.89 1.90
N ALA A 12 9.80 -18.99 1.57
CA ALA A 12 10.64 -17.81 1.39
C ALA A 12 10.12 -16.93 0.26
N ASP A 13 10.03 -17.52 -0.94
CA ASP A 13 9.55 -16.79 -2.11
C ASP A 13 8.17 -16.21 -1.85
N GLY A 14 7.31 -16.98 -1.20
CA GLY A 14 5.96 -16.52 -0.91
C GLY A 14 5.94 -15.41 0.14
N LEU A 15 6.90 -15.45 1.05
CA LEU A 15 6.99 -14.45 2.11
C LEU A 15 7.43 -13.10 1.55
N ALA A 16 8.49 -13.11 0.76
CA ALA A 16 9.02 -11.89 0.15
C ALA A 16 8.07 -11.37 -0.93
N SER A 17 7.45 -12.29 -1.65
CA SER A 17 6.51 -11.92 -2.72
C SER A 17 5.23 -11.35 -2.13
N ALA A 18 4.74 -11.95 -1.05
CA ALA A 18 3.53 -11.49 -0.39
C ALA A 18 3.78 -10.24 0.44
N GLU A 19 4.98 -10.14 0.99
CA GLU A 19 5.35 -9.00 1.81
C GLU A 19 5.53 -7.75 0.95
N ARG A 20 6.34 -7.87 -0.10
CA ARG A 20 6.59 -6.75 -1.00
C ARG A 20 5.30 -6.23 -1.61
N ALA A 21 4.41 -7.16 -1.98
CA ALA A 21 3.13 -6.80 -2.57
C ALA A 21 2.23 -6.12 -1.56
N HIS A 22 2.04 -6.76 -0.41
CA HIS A 22 1.19 -6.20 0.65
C HIS A 22 1.65 -4.81 1.04
N LYS A 23 2.96 -4.65 1.24
CA LYS A 23 3.52 -3.37 1.63
C LYS A 23 3.35 -2.34 0.51
N ASP A 24 3.63 -2.76 -0.72
CA ASP A 24 3.50 -1.88 -1.87
C ASP A 24 2.07 -1.33 -1.98
N LEU A 25 1.11 -2.24 -2.02
CA LEU A 25 -0.30 -1.85 -2.12
C LEU A 25 -0.71 -0.96 -0.95
N ASP A 26 -0.30 -1.35 0.25
CA ASP A 26 -0.61 -0.58 1.45
C ASP A 26 -0.12 0.85 1.32
N LEU A 27 1.18 1.01 1.11
CA LEU A 27 1.78 2.34 0.96
C LEU A 27 1.09 3.13 -0.14
N ALA A 28 0.76 2.45 -1.23
CA ALA A 28 0.09 3.09 -2.36
C ALA A 28 -1.27 3.65 -1.95
N LYS A 29 -2.14 2.78 -1.43
CA LYS A 29 -3.46 3.19 -1.00
C LYS A 29 -3.38 4.34 0.01
N ALA A 30 -2.54 4.15 1.03
CA ALA A 30 -2.36 5.17 2.05
C ALA A 30 -1.94 6.51 1.45
N SER A 31 -0.93 6.46 0.57
CA SER A 31 -0.43 7.66 -0.07
C SER A 31 -1.54 8.37 -0.84
N ALA A 32 -2.34 7.60 -1.57
CA ALA A 32 -3.43 8.14 -2.35
C ALA A 32 -4.46 8.83 -1.45
N THR A 33 -4.97 8.08 -0.48
CA THR A 33 -5.97 8.61 0.45
C THR A 33 -5.48 9.90 1.10
N ASP A 34 -4.29 9.84 1.70
CA ASP A 34 -3.71 10.99 2.36
C ASP A 34 -3.56 12.16 1.39
N GLN A 35 -3.03 11.86 0.21
CA GLN A 35 -2.82 12.88 -0.82
C GLN A 35 -4.14 13.56 -1.18
N LEU A 36 -5.15 12.75 -1.47
CA LEU A 36 -6.47 13.28 -1.83
C LEU A 36 -7.06 14.10 -0.69
N LYS A 37 -7.10 13.52 0.50
CA LYS A 37 -7.64 14.21 1.67
C LYS A 37 -6.94 15.55 1.88
N LYS A 38 -5.62 15.54 1.77
CA LYS A 38 -4.84 16.76 1.95
C LYS A 38 -5.24 17.82 0.93
N ALA A 39 -5.15 17.46 -0.35
CA ALA A 39 -5.52 18.39 -1.42
C ALA A 39 -6.92 18.95 -1.21
N LYS A 40 -7.88 18.07 -0.99
CA LYS A 40 -9.26 18.49 -0.78
C LYS A 40 -9.36 19.46 0.40
N ALA A 41 -8.94 19.02 1.57
CA ALA A 41 -8.98 19.86 2.77
C ALA A 41 -8.30 21.20 2.50
N GLU A 42 -7.25 21.18 1.68
CA GLU A 42 -6.52 22.39 1.36
C GLU A 42 -7.35 23.31 0.45
N ALA A 43 -8.10 22.70 -0.46
CA ALA A 43 -8.94 23.46 -1.37
C ALA A 43 -9.82 24.46 -0.64
N GLN A 44 -10.26 24.08 0.56
CA GLN A 44 -11.10 24.95 1.37
C GLN A 44 -11.36 24.32 2.74
N VAL A 45 -12.23 23.31 2.77
CA VAL A 45 -12.57 22.63 4.00
C VAL A 45 -13.53 21.46 3.75
N ILE A 46 -13.12 20.28 4.17
CA ILE A 46 -13.93 19.08 3.99
C ILE A 46 -13.80 18.13 5.18
N ILE A 47 -14.94 17.68 5.71
CA ILE A 47 -14.94 16.77 6.84
C ILE A 47 -14.24 15.47 6.49
N GLU A 48 -14.18 14.55 7.46
CA GLU A 48 -13.54 13.26 7.27
C GLU A 48 -14.55 12.13 7.36
N GLN A 49 -14.26 11.03 6.67
CA GLN A 49 -15.14 9.87 6.68
C GLN A 49 -14.69 8.85 7.72
N ALA A 50 -15.65 8.35 8.50
CA ALA A 50 -15.35 7.35 9.53
C ALA A 50 -15.50 5.94 8.99
N ASN A 51 -14.37 5.25 8.85
CA ASN A 51 -14.36 3.88 8.35
C ASN A 51 -14.74 2.89 9.44
N LYS A 52 -14.44 3.25 10.69
CA LYS A 52 -14.76 2.40 11.83
C LYS A 52 -15.65 3.13 12.83
N ARG A 53 -15.10 4.19 13.43
CA ARG A 53 -15.85 4.98 14.40
C ARG A 53 -15.13 6.29 14.70
N MET A 1 21.64 -34.82 -10.71
CA MET A 1 21.81 -34.43 -9.32
C MET A 1 22.20 -32.96 -9.21
N ALA A 2 21.40 -32.10 -9.81
CA ALA A 2 21.65 -30.66 -9.79
C ALA A 2 20.77 -29.97 -8.76
N ALA A 3 19.62 -30.57 -8.46
CA ALA A 3 18.69 -30.01 -7.48
C ALA A 3 18.25 -31.07 -6.48
N ILE A 4 18.75 -30.95 -5.26
CA ILE A 4 18.40 -31.90 -4.19
C ILE A 4 17.01 -31.61 -3.63
N GLU A 5 16.83 -30.40 -3.11
CA GLU A 5 15.54 -30.01 -2.55
C GLU A 5 15.01 -28.76 -3.23
N LYS A 6 14.01 -28.94 -4.09
CA LYS A 6 13.41 -27.83 -4.82
C LYS A 6 11.89 -28.00 -4.90
N ARG A 7 11.32 -28.71 -3.93
CA ARG A 7 9.88 -28.93 -3.89
C ARG A 7 9.26 -28.27 -2.67
N GLN A 8 10.01 -28.21 -1.58
CA GLN A 8 9.53 -27.61 -0.34
C GLN A 8 10.30 -26.32 -0.03
N LYS A 9 10.36 -25.42 -1.01
CA LYS A 9 11.07 -24.16 -0.83
C LYS A 9 10.31 -23.02 -1.52
N GLU A 10 8.99 -23.16 -1.63
CA GLU A 10 8.17 -22.15 -2.27
C GLU A 10 7.73 -21.09 -1.25
N ILE A 11 7.66 -21.49 0.01
CA ILE A 11 7.26 -20.58 1.08
C ILE A 11 8.07 -19.29 1.04
N ALA A 12 9.35 -19.42 0.67
CA ALA A 12 10.24 -18.27 0.59
C ALA A 12 9.77 -17.28 -0.49
N ASP A 13 9.71 -17.75 -1.73
CA ASP A 13 9.27 -16.92 -2.83
C ASP A 13 7.93 -16.25 -2.53
N GLY A 14 6.98 -17.04 -2.04
CA GLY A 14 5.67 -16.50 -1.70
C GLY A 14 5.71 -15.55 -0.52
N LEU A 15 6.65 -15.79 0.40
CA LEU A 15 6.79 -14.95 1.58
C LEU A 15 7.25 -13.55 1.19
N ALA A 16 8.31 -13.47 0.39
CA ALA A 16 8.84 -12.20 -0.05
C ALA A 16 7.92 -11.53 -1.07
N SER A 17 7.32 -12.34 -1.94
CA SER A 17 6.42 -11.84 -2.96
C SER A 17 5.16 -11.25 -2.33
N ALA A 18 4.68 -11.90 -1.28
CA ALA A 18 3.48 -11.43 -0.59
C ALA A 18 3.81 -10.30 0.37
N GLU A 19 4.96 -10.38 1.01
CA GLU A 19 5.39 -9.37 1.96
C GLU A 19 5.60 -8.01 1.25
N ARG A 20 6.41 -8.03 0.21
CA ARG A 20 6.70 -6.82 -0.55
C ARG A 20 5.42 -6.24 -1.15
N ALA A 21 4.58 -7.11 -1.69
CA ALA A 21 3.32 -6.68 -2.29
C ALA A 21 2.44 -5.97 -1.27
N HIS A 22 2.12 -6.67 -0.18
CA HIS A 22 1.29 -6.11 0.87
C HIS A 22 1.85 -4.78 1.37
N LYS A 23 3.17 -4.75 1.57
CA LYS A 23 3.83 -3.54 2.05
C LYS A 23 3.60 -2.37 1.09
N ASP A 24 4.00 -2.55 -0.17
CA ASP A 24 3.83 -1.52 -1.18
C ASP A 24 2.37 -1.05 -1.23
N LEU A 25 1.44 -1.99 -1.10
CA LEU A 25 0.02 -1.68 -1.14
C LEU A 25 -0.36 -0.77 0.02
N ASP A 26 0.03 -1.15 1.23
CA ASP A 26 -0.26 -0.37 2.42
C ASP A 26 0.29 1.04 2.30
N LEU A 27 1.60 1.15 2.06
CA LEU A 27 2.25 2.44 1.92
C LEU A 27 1.54 3.30 0.88
N ALA A 28 1.35 2.74 -0.31
CA ALA A 28 0.67 3.44 -1.39
C ALA A 28 -0.71 3.92 -0.97
N LYS A 29 -1.42 3.07 -0.22
CA LYS A 29 -2.76 3.40 0.25
C LYS A 29 -2.73 4.61 1.17
N ALA A 30 -1.89 4.54 2.21
CA ALA A 30 -1.76 5.62 3.16
C ALA A 30 -1.40 6.93 2.47
N SER A 31 -0.36 6.89 1.65
CA SER A 31 0.08 8.08 0.92
C SER A 31 -1.04 8.66 0.08
N ALA A 32 -1.68 7.80 -0.71
CA ALA A 32 -2.79 8.23 -1.56
C ALA A 32 -3.88 8.92 -0.74
N THR A 33 -4.30 8.27 0.34
CA THR A 33 -5.34 8.82 1.20
C THR A 33 -4.97 10.21 1.69
N ASP A 34 -3.82 10.31 2.35
CA ASP A 34 -3.35 11.59 2.88
C ASP A 34 -3.32 12.64 1.78
N GLN A 35 -2.73 12.30 0.64
CA GLN A 35 -2.64 13.22 -0.48
C GLN A 35 -4.02 13.69 -0.92
N LEU A 36 -4.86 12.75 -1.32
CA LEU A 36 -6.21 13.06 -1.76
C LEU A 36 -6.95 13.91 -0.72
N LYS A 37 -6.79 13.53 0.54
CA LYS A 37 -7.43 14.25 1.64
C LYS A 37 -7.05 15.73 1.62
N LYS A 38 -5.74 15.99 1.64
CA LYS A 38 -5.24 17.37 1.62
C LYS A 38 -5.73 18.11 0.39
N ALA A 39 -5.51 17.51 -0.78
CA ALA A 39 -5.93 18.11 -2.04
C ALA A 39 -7.40 18.47 -2.01
N LYS A 40 -8.23 17.53 -1.56
CA LYS A 40 -9.66 17.74 -1.48
C LYS A 40 -9.99 18.95 -0.60
N ALA A 41 -9.49 18.92 0.64
CA ALA A 41 -9.73 20.01 1.58
C ALA A 41 -9.35 21.35 0.95
N GLU A 42 -8.10 21.48 0.53
CA GLU A 42 -7.62 22.71 -0.09
C GLU A 42 -8.51 23.13 -1.25
N ALA A 43 -8.97 22.15 -2.00
CA ALA A 43 -9.84 22.41 -3.15
C ALA A 43 -11.21 22.91 -2.71
N GLN A 44 -11.62 22.48 -1.52
CA GLN A 44 -12.92 22.88 -0.97
C GLN A 44 -12.82 23.16 0.52
N VAL A 45 -12.60 24.43 0.87
CA VAL A 45 -12.48 24.83 2.26
C VAL A 45 -13.83 24.73 2.98
N ILE A 46 -14.08 23.58 3.59
CA ILE A 46 -15.32 23.35 4.31
C ILE A 46 -15.06 22.79 5.70
N ILE A 47 -15.81 23.28 6.69
CA ILE A 47 -15.66 22.82 8.06
C ILE A 47 -17.01 22.47 8.68
N GLU A 48 -17.02 21.44 9.52
CA GLU A 48 -18.25 21.01 10.18
C GLU A 48 -18.02 20.79 11.67
N GLN A 49 -18.53 21.70 12.48
CA GLN A 49 -18.38 21.61 13.93
C GLN A 49 -18.88 20.27 14.44
N ALA A 50 -17.96 19.47 14.97
CA ALA A 50 -18.31 18.16 15.50
C ALA A 50 -18.71 18.24 16.97
N ASN A 51 -19.87 17.69 17.29
CA ASN A 51 -20.37 17.70 18.66
C ASN A 51 -21.59 16.79 18.81
N LYS A 52 -21.66 16.09 19.92
CA LYS A 52 -22.77 15.18 20.19
C LYS A 52 -24.07 15.95 20.39
N ARG A 53 -25.20 15.27 20.19
CA ARG A 53 -26.51 15.90 20.35
C ARG A 53 -27.40 15.06 21.25
N MET A 1 24.56 -32.89 -1.92
CA MET A 1 23.67 -34.03 -1.76
C MET A 1 22.37 -33.61 -1.10
N ALA A 2 21.40 -33.20 -1.92
CA ALA A 2 20.10 -32.77 -1.41
C ALA A 2 19.31 -33.96 -0.85
N ALA A 3 18.09 -33.68 -0.39
CA ALA A 3 17.24 -34.72 0.16
C ALA A 3 15.91 -34.81 -0.59
N ILE A 4 15.48 -36.03 -0.88
CA ILE A 4 14.24 -36.24 -1.60
C ILE A 4 13.03 -35.83 -0.75
N GLU A 5 13.19 -35.93 0.56
CA GLU A 5 12.12 -35.57 1.49
C GLU A 5 12.06 -34.05 1.68
N LYS A 6 13.19 -33.39 1.52
CA LYS A 6 13.27 -31.94 1.68
C LYS A 6 12.39 -31.24 0.66
N ARG A 7 11.89 -30.07 1.02
CA ARG A 7 11.02 -29.30 0.14
C ARG A 7 11.83 -28.25 -0.64
N GLN A 8 11.13 -27.46 -1.44
CA GLN A 8 11.80 -26.42 -2.24
C GLN A 8 11.81 -25.09 -1.49
N LYS A 9 12.23 -24.04 -2.18
CA LYS A 9 12.29 -22.71 -1.58
C LYS A 9 11.04 -21.90 -1.92
N GLU A 10 9.88 -22.43 -1.52
CA GLU A 10 8.60 -21.76 -1.78
C GLU A 10 8.25 -20.81 -0.64
N ILE A 11 8.58 -21.23 0.59
CA ILE A 11 8.29 -20.42 1.77
C ILE A 11 8.83 -19.01 1.61
N ALA A 12 10.16 -18.89 1.49
CA ALA A 12 10.79 -17.60 1.32
C ALA A 12 10.16 -16.81 0.18
N ASP A 13 9.91 -17.49 -0.93
CA ASP A 13 9.30 -16.86 -2.10
C ASP A 13 7.97 -16.20 -1.74
N GLY A 14 7.06 -17.00 -1.19
CA GLY A 14 5.76 -16.49 -0.80
C GLY A 14 5.85 -15.41 0.26
N LEU A 15 6.86 -15.52 1.12
CA LEU A 15 7.05 -14.56 2.19
C LEU A 15 7.40 -13.18 1.63
N ALA A 16 8.45 -13.13 0.81
CA ALA A 16 8.87 -11.88 0.20
C ALA A 16 7.86 -11.39 -0.83
N SER A 17 7.23 -12.32 -1.53
CA SER A 17 6.25 -11.99 -2.55
C SER A 17 5.00 -11.38 -1.91
N ALA A 18 4.60 -11.92 -0.77
CA ALA A 18 3.43 -11.43 -0.06
C ALA A 18 3.75 -10.18 0.75
N GLU A 19 4.95 -10.14 1.31
CA GLU A 19 5.39 -9.00 2.10
C GLU A 19 5.51 -7.74 1.24
N ARG A 20 6.31 -7.84 0.17
CA ARG A 20 6.52 -6.72 -0.73
C ARG A 20 5.19 -6.27 -1.35
N ALA A 21 4.36 -7.24 -1.71
CA ALA A 21 3.06 -6.96 -2.32
C ALA A 21 2.16 -6.19 -1.34
N HIS A 22 2.02 -6.73 -0.14
CA HIS A 22 1.20 -6.10 0.88
C HIS A 22 1.69 -4.70 1.21
N LYS A 23 2.97 -4.60 1.60
CA LYS A 23 3.57 -3.32 1.93
C LYS A 23 3.41 -2.32 0.80
N ASP A 24 3.62 -2.80 -0.43
CA ASP A 24 3.49 -1.96 -1.61
C ASP A 24 2.07 -1.41 -1.74
N LEU A 25 1.10 -2.31 -1.75
CA LEU A 25 -0.31 -1.93 -1.87
C LEU A 25 -0.69 -0.92 -0.81
N ASP A 26 -0.40 -1.25 0.45
CA ASP A 26 -0.71 -0.37 1.57
C ASP A 26 -0.12 1.02 1.34
N LEU A 27 1.16 1.07 1.01
CA LEU A 27 1.84 2.33 0.77
C LEU A 27 1.10 3.16 -0.28
N ALA A 28 0.78 2.53 -1.41
CA ALA A 28 0.06 3.20 -2.49
C ALA A 28 -1.29 3.72 -2.01
N LYS A 29 -2.09 2.82 -1.45
CA LYS A 29 -3.42 3.19 -0.95
C LYS A 29 -3.33 4.38 0.00
N ALA A 30 -2.49 4.24 1.03
CA ALA A 30 -2.31 5.31 2.01
C ALA A 30 -1.90 6.62 1.34
N SER A 31 -0.88 6.53 0.48
CA SER A 31 -0.37 7.70 -0.22
C SER A 31 -1.47 8.35 -1.04
N ALA A 32 -2.29 7.53 -1.69
CA ALA A 32 -3.38 8.03 -2.52
C ALA A 32 -4.40 8.79 -1.67
N THR A 33 -5.04 8.08 -0.74
CA THR A 33 -6.04 8.68 0.12
C THR A 33 -5.47 9.88 0.86
N ASP A 34 -4.17 9.84 1.15
CA ASP A 34 -3.50 10.93 1.86
C ASP A 34 -3.43 12.17 0.98
N GLN A 35 -2.86 12.03 -0.21
CA GLN A 35 -2.74 13.14 -1.14
C GLN A 35 -4.09 13.75 -1.45
N LEU A 36 -5.07 12.90 -1.75
CA LEU A 36 -6.42 13.34 -2.08
C LEU A 36 -7.05 14.07 -0.89
N LYS A 37 -7.10 13.39 0.24
CA LYS A 37 -7.68 13.98 1.45
C LYS A 37 -7.04 15.33 1.76
N LYS A 38 -5.72 15.41 1.60
CA LYS A 38 -4.99 16.64 1.85
C LYS A 38 -5.34 17.71 0.82
N ALA A 39 -5.35 17.31 -0.45
CA ALA A 39 -5.67 18.23 -1.54
C ALA A 39 -7.02 18.92 -1.30
N LYS A 40 -8.04 18.12 -1.03
CA LYS A 40 -9.39 18.64 -0.77
C LYS A 40 -9.43 19.40 0.55
N ALA A 41 -8.71 18.88 1.55
CA ALA A 41 -8.67 19.51 2.86
C ALA A 41 -8.26 20.97 2.75
N GLU A 42 -7.10 21.23 2.16
CA GLU A 42 -6.60 22.58 2.00
C GLU A 42 -7.41 23.35 0.96
N ALA A 43 -7.80 22.66 -0.11
CA ALA A 43 -8.58 23.27 -1.18
C ALA A 43 -9.82 23.96 -0.61
N GLN A 44 -10.38 23.40 0.44
CA GLN A 44 -11.57 23.96 1.08
C GLN A 44 -11.22 24.64 2.39
N VAL A 45 -11.77 25.83 2.60
CA VAL A 45 -11.51 26.59 3.82
C VAL A 45 -12.77 26.70 4.68
N ILE A 46 -13.78 27.39 4.16
CA ILE A 46 -15.04 27.55 4.89
C ILE A 46 -16.05 26.48 4.49
N ILE A 47 -16.46 26.50 3.23
CA ILE A 47 -17.42 25.53 2.71
C ILE A 47 -17.49 25.58 1.19
N GLU A 48 -17.69 24.41 0.58
CA GLU A 48 -17.77 24.32 -0.87
C GLU A 48 -19.23 24.29 -1.33
N GLN A 49 -19.72 25.42 -1.81
CA GLN A 49 -21.09 25.53 -2.29
C GLN A 49 -21.29 24.72 -3.57
N ALA A 50 -22.47 24.12 -3.71
CA ALA A 50 -22.78 23.32 -4.88
C ALA A 50 -24.28 23.08 -4.99
N ASN A 51 -25.06 24.15 -4.83
CA ASN A 51 -26.51 24.05 -4.92
C ASN A 51 -26.94 23.50 -6.28
N LYS A 52 -27.55 22.32 -6.25
CA LYS A 52 -28.01 21.67 -7.48
C LYS A 52 -29.11 22.51 -8.15
N ARG A 53 -29.38 22.21 -9.42
CA ARG A 53 -30.40 22.93 -10.16
C ARG A 53 -31.03 22.03 -11.23
N MET A 1 6.60 -25.87 -20.46
CA MET A 1 7.68 -26.17 -19.53
C MET A 1 8.72 -25.04 -19.52
N ALA A 2 8.53 -24.08 -18.64
CA ALA A 2 9.44 -22.95 -18.53
C ALA A 2 9.83 -22.69 -17.08
N ALA A 3 10.30 -23.73 -16.40
CA ALA A 3 10.71 -23.62 -15.00
C ALA A 3 12.17 -24.00 -14.82
N ILE A 4 13.06 -23.20 -15.39
CA ILE A 4 14.50 -23.45 -15.29
C ILE A 4 14.99 -23.25 -13.86
N GLU A 5 14.67 -22.10 -13.29
CA GLU A 5 15.07 -21.78 -11.93
C GLU A 5 14.67 -22.89 -10.97
N LYS A 6 15.61 -23.31 -10.12
CA LYS A 6 15.35 -24.36 -9.15
C LYS A 6 15.10 -23.78 -7.77
N ARG A 7 13.82 -23.60 -7.42
CA ARG A 7 13.45 -23.04 -6.13
C ARG A 7 13.82 -24.00 -5.00
N GLN A 8 14.32 -23.46 -3.90
CA GLN A 8 14.71 -24.26 -2.74
C GLN A 8 13.64 -24.22 -1.67
N LYS A 9 13.39 -23.03 -1.13
CA LYS A 9 12.38 -22.86 -0.09
C LYS A 9 11.23 -21.99 -0.57
N GLU A 10 10.08 -22.62 -0.82
CA GLU A 10 8.91 -21.90 -1.29
C GLU A 10 8.40 -20.92 -0.22
N ILE A 11 8.61 -21.28 1.03
CA ILE A 11 8.17 -20.44 2.15
C ILE A 11 8.73 -19.02 2.02
N ALA A 12 10.06 -18.92 2.04
CA ALA A 12 10.72 -17.63 1.93
C ALA A 12 10.30 -16.91 0.66
N ASP A 13 10.27 -17.64 -0.45
CA ASP A 13 9.88 -17.06 -1.73
C ASP A 13 8.52 -16.39 -1.64
N GLY A 14 7.52 -17.14 -1.18
CA GLY A 14 6.18 -16.61 -1.05
C GLY A 14 6.08 -15.54 0.02
N LEU A 15 6.92 -15.64 1.04
CA LEU A 15 6.93 -14.68 2.13
C LEU A 15 7.32 -13.29 1.63
N ALA A 16 8.45 -13.22 0.92
CA ALA A 16 8.93 -11.96 0.37
C ALA A 16 8.04 -11.49 -0.77
N SER A 17 7.62 -12.42 -1.61
CA SER A 17 6.77 -12.10 -2.76
C SER A 17 5.43 -11.53 -2.29
N ALA A 18 4.93 -12.04 -1.17
CA ALA A 18 3.66 -11.58 -0.63
C ALA A 18 3.85 -10.32 0.21
N GLU A 19 4.87 -10.32 1.05
CA GLU A 19 5.15 -9.17 1.91
C GLU A 19 5.35 -7.91 1.08
N ARG A 20 6.16 -8.02 0.03
CA ARG A 20 6.43 -6.89 -0.84
C ARG A 20 5.14 -6.35 -1.46
N ALA A 21 4.37 -7.25 -2.06
CA ALA A 21 3.11 -6.87 -2.69
C ALA A 21 2.19 -6.16 -1.70
N HIS A 22 1.97 -6.77 -0.55
CA HIS A 22 1.11 -6.20 0.48
C HIS A 22 1.57 -4.77 0.82
N LYS A 23 2.85 -4.63 1.14
CA LYS A 23 3.41 -3.34 1.49
C LYS A 23 3.19 -2.32 0.36
N ASP A 24 3.52 -2.73 -0.86
CA ASP A 24 3.36 -1.86 -2.02
C ASP A 24 1.91 -1.38 -2.14
N LEU A 25 0.97 -2.31 -2.03
CA LEU A 25 -0.44 -1.98 -2.14
C LEU A 25 -0.87 -1.06 -0.99
N ASP A 26 -0.46 -1.40 0.22
CA ASP A 26 -0.79 -0.60 1.40
C ASP A 26 -0.28 0.83 1.25
N LEU A 27 1.02 0.96 0.96
CA LEU A 27 1.64 2.26 0.80
C LEU A 27 0.92 3.08 -0.27
N ALA A 28 0.71 2.46 -1.43
CA ALA A 28 0.03 3.12 -2.53
C ALA A 28 -1.32 3.67 -2.09
N LYS A 29 -2.12 2.83 -1.45
CA LYS A 29 -3.45 3.23 -0.99
C LYS A 29 -3.34 4.41 -0.03
N ALA A 30 -2.54 4.25 1.03
CA ALA A 30 -2.35 5.30 2.02
C ALA A 30 -1.92 6.60 1.36
N SER A 31 -1.05 6.50 0.36
CA SER A 31 -0.55 7.68 -0.35
C SER A 31 -1.68 8.38 -1.09
N ALA A 32 -2.49 7.60 -1.81
CA ALA A 32 -3.61 8.15 -2.55
C ALA A 32 -4.61 8.84 -1.62
N THR A 33 -5.07 8.10 -0.62
CA THR A 33 -6.03 8.64 0.35
C THR A 33 -5.51 9.92 0.99
N ASP A 34 -4.34 9.83 1.62
CA ASP A 34 -3.74 10.99 2.26
C ASP A 34 -3.64 12.16 1.30
N GLN A 35 -3.22 11.88 0.08
CA GLN A 35 -3.07 12.92 -0.95
C GLN A 35 -4.40 13.62 -1.19
N LEU A 36 -5.40 12.86 -1.61
CA LEU A 36 -6.73 13.42 -1.88
C LEU A 36 -7.25 14.19 -0.67
N LYS A 37 -7.09 13.61 0.51
CA LYS A 37 -7.55 14.25 1.74
C LYS A 37 -6.90 15.63 1.90
N LYS A 38 -5.57 15.66 1.92
CA LYS A 38 -4.85 16.91 2.06
C LYS A 38 -5.26 17.91 0.98
N ALA A 39 -5.38 17.43 -0.25
CA ALA A 39 -5.77 18.28 -1.37
C ALA A 39 -7.08 19.01 -1.08
N LYS A 40 -8.10 18.25 -0.71
CA LYS A 40 -9.41 18.82 -0.41
C LYS A 40 -9.33 19.77 0.78
N ALA A 41 -8.72 19.30 1.86
CA ALA A 41 -8.57 20.10 3.07
C ALA A 41 -7.90 21.44 2.75
N GLU A 42 -6.92 21.41 1.85
CA GLU A 42 -6.21 22.62 1.45
C GLU A 42 -7.06 23.49 0.54
N ALA A 43 -7.73 22.85 -0.41
CA ALA A 43 -8.59 23.57 -1.35
C ALA A 43 -9.73 24.27 -0.63
N GLN A 44 -10.13 23.73 0.52
CA GLN A 44 -11.20 24.31 1.30
C GLN A 44 -10.91 25.76 1.67
N VAL A 45 -9.61 26.07 1.75
CA VAL A 45 -9.19 27.43 2.09
C VAL A 45 -8.22 27.97 1.05
N ILE A 46 -7.96 29.28 1.12
CA ILE A 46 -7.06 29.93 0.17
C ILE A 46 -6.01 30.78 0.90
N ILE A 47 -5.09 31.35 0.15
CA ILE A 47 -4.05 32.19 0.72
C ILE A 47 -4.13 33.62 0.18
N GLU A 48 -3.74 33.79 -1.07
CA GLU A 48 -3.76 35.09 -1.71
C GLU A 48 -3.44 34.98 -3.20
N GLN A 49 -4.46 35.13 -4.04
CA GLN A 49 -4.29 35.04 -5.48
C GLN A 49 -4.88 36.26 -6.17
N ALA A 50 -4.02 37.03 -6.84
CA ALA A 50 -4.46 38.22 -7.55
C ALA A 50 -3.49 38.58 -8.67
N ASN A 51 -3.85 39.60 -9.45
CA ASN A 51 -3.02 40.03 -10.57
C ASN A 51 -2.23 41.29 -10.19
N LYS A 52 -0.96 41.31 -10.57
CA LYS A 52 -0.09 42.45 -10.27
C LYS A 52 0.15 43.28 -11.52
N ARG A 53 0.53 44.54 -11.33
CA ARG A 53 0.79 45.44 -12.44
C ARG A 53 -0.39 45.49 -13.40
N MET A 1 8.11 -32.29 1.34
CA MET A 1 8.68 -31.96 2.64
C MET A 1 10.16 -32.31 2.68
N ALA A 2 10.87 -32.02 1.59
CA ALA A 2 12.30 -32.31 1.50
C ALA A 2 12.88 -31.80 0.18
N ALA A 3 12.49 -32.45 -0.91
CA ALA A 3 12.98 -32.06 -2.23
C ALA A 3 12.14 -32.72 -3.33
N ILE A 4 10.83 -32.68 -3.17
CA ILE A 4 9.92 -33.26 -4.15
C ILE A 4 10.01 -32.54 -5.49
N GLU A 5 10.42 -31.28 -5.45
CA GLU A 5 10.56 -30.47 -6.66
C GLU A 5 11.76 -29.54 -6.56
N LYS A 6 12.10 -28.91 -7.68
CA LYS A 6 13.24 -28.00 -7.73
C LYS A 6 13.01 -26.82 -6.78
N ARG A 7 11.75 -26.54 -6.48
CA ARG A 7 11.41 -25.44 -5.59
C ARG A 7 11.50 -25.87 -4.12
N GLN A 8 12.66 -25.61 -3.51
CA GLN A 8 12.87 -25.98 -2.12
C GLN A 8 12.40 -24.87 -1.18
N LYS A 9 12.95 -23.67 -1.37
CA LYS A 9 12.59 -22.52 -0.55
C LYS A 9 11.29 -21.89 -1.04
N GLU A 10 10.17 -22.47 -0.62
CA GLU A 10 8.85 -21.96 -1.02
C GLU A 10 8.33 -20.95 0.00
N ILE A 11 8.50 -21.27 1.28
CA ILE A 11 8.05 -20.39 2.35
C ILE A 11 8.63 -18.99 2.20
N ALA A 12 9.96 -18.91 2.17
CA ALA A 12 10.65 -17.64 2.03
C ALA A 12 10.20 -16.91 0.75
N ASP A 13 10.15 -17.65 -0.36
CA ASP A 13 9.74 -17.08 -1.63
C ASP A 13 8.39 -16.39 -1.50
N GLY A 14 7.39 -17.13 -1.05
CA GLY A 14 6.06 -16.56 -0.89
C GLY A 14 6.02 -15.48 0.17
N LEU A 15 6.88 -15.58 1.17
CA LEU A 15 6.93 -14.61 2.25
C LEU A 15 7.33 -13.24 1.71
N ALA A 16 8.42 -13.19 0.95
CA ALA A 16 8.92 -11.95 0.38
C ALA A 16 8.01 -11.46 -0.74
N SER A 17 7.58 -12.40 -1.58
CA SER A 17 6.71 -12.06 -2.70
C SER A 17 5.40 -11.47 -2.21
N ALA A 18 4.89 -11.98 -1.09
CA ALA A 18 3.65 -11.50 -0.52
C ALA A 18 3.87 -10.21 0.26
N GLU A 19 4.99 -10.13 0.96
CA GLU A 19 5.33 -8.95 1.76
C GLU A 19 5.47 -7.72 0.86
N ARG A 20 6.20 -7.88 -0.24
CA ARG A 20 6.41 -6.78 -1.18
C ARG A 20 5.08 -6.31 -1.77
N ALA A 21 4.25 -7.26 -2.18
CA ALA A 21 2.95 -6.94 -2.76
C ALA A 21 2.07 -6.19 -1.77
N HIS A 22 1.87 -6.79 -0.60
CA HIS A 22 1.04 -6.17 0.44
C HIS A 22 1.56 -4.77 0.78
N LYS A 23 2.84 -4.68 1.09
CA LYS A 23 3.46 -3.41 1.44
C LYS A 23 3.23 -2.38 0.34
N ASP A 24 3.52 -2.76 -0.91
CA ASP A 24 3.35 -1.87 -2.04
C ASP A 24 1.93 -1.35 -2.11
N LEU A 25 0.96 -2.26 -2.07
CA LEU A 25 -0.45 -1.89 -2.13
C LEU A 25 -0.81 -0.93 -0.99
N ASP A 26 -0.35 -1.25 0.21
CA ASP A 26 -0.61 -0.42 1.38
C ASP A 26 -0.07 0.99 1.18
N LEU A 27 1.21 1.09 0.85
CA LEU A 27 1.85 2.38 0.62
C LEU A 27 1.12 3.16 -0.48
N ALA A 28 0.91 2.51 -1.61
CA ALA A 28 0.23 3.15 -2.74
C ALA A 28 -1.15 3.67 -2.31
N LYS A 29 -2.01 2.76 -1.88
CA LYS A 29 -3.35 3.12 -1.44
C LYS A 29 -3.31 4.24 -0.40
N ALA A 30 -2.56 4.01 0.67
CA ALA A 30 -2.44 5.01 1.72
C ALA A 30 -2.04 6.37 1.15
N SER A 31 -0.98 6.39 0.35
CA SER A 31 -0.51 7.63 -0.25
C SER A 31 -1.63 8.32 -1.02
N ALA A 32 -2.33 7.55 -1.84
CA ALA A 32 -3.42 8.10 -2.63
C ALA A 32 -4.46 8.78 -1.75
N THR A 33 -5.04 8.02 -0.82
CA THR A 33 -6.04 8.56 0.09
C THR A 33 -5.53 9.81 0.81
N ASP A 34 -4.35 9.69 1.42
CA ASP A 34 -3.75 10.81 2.13
C ASP A 34 -3.68 12.05 1.25
N GLN A 35 -3.16 11.88 0.05
CA GLN A 35 -3.03 12.99 -0.90
C GLN A 35 -4.38 13.63 -1.16
N LEU A 36 -5.39 12.79 -1.41
CA LEU A 36 -6.74 13.28 -1.68
C LEU A 36 -7.24 14.15 -0.54
N LYS A 37 -7.22 13.61 0.67
CA LYS A 37 -7.67 14.34 1.85
C LYS A 37 -6.90 15.66 2.00
N LYS A 38 -5.58 15.60 1.85
CA LYS A 38 -4.74 16.78 1.96
C LYS A 38 -5.18 17.85 0.97
N ALA A 39 -5.36 17.46 -0.29
CA ALA A 39 -5.79 18.39 -1.33
C ALA A 39 -7.12 19.03 -0.98
N LYS A 40 -8.10 18.21 -0.64
CA LYS A 40 -9.43 18.70 -0.28
C LYS A 40 -9.35 19.67 0.90
N ALA A 41 -8.73 19.23 1.98
CA ALA A 41 -8.58 20.06 3.17
C ALA A 41 -7.94 21.40 2.82
N GLU A 42 -6.91 21.36 1.98
CA GLU A 42 -6.21 22.57 1.58
C GLU A 42 -7.12 23.46 0.74
N ALA A 43 -7.95 22.84 -0.09
CA ALA A 43 -8.86 23.58 -0.95
C ALA A 43 -9.72 24.54 -0.14
N GLN A 44 -10.06 24.15 1.09
CA GLN A 44 -10.88 24.96 1.96
C GLN A 44 -10.98 24.36 3.36
N VAL A 45 -11.65 23.22 3.45
CA VAL A 45 -11.81 22.54 4.73
C VAL A 45 -12.56 21.21 4.55
N ILE A 46 -13.52 21.20 3.63
CA ILE A 46 -14.29 19.99 3.36
C ILE A 46 -13.41 18.87 2.85
N ILE A 47 -13.72 17.65 3.28
CA ILE A 47 -12.95 16.48 2.85
C ILE A 47 -13.86 15.38 2.33
N GLU A 48 -13.26 14.31 1.80
CA GLU A 48 -14.02 13.20 1.26
C GLU A 48 -13.85 11.95 2.12
N GLN A 49 -14.86 11.63 2.92
CA GLN A 49 -14.81 10.46 3.80
C GLN A 49 -16.16 10.24 4.49
N ALA A 50 -17.22 10.18 3.70
CA ALA A 50 -18.56 9.97 4.23
C ALA A 50 -19.57 9.73 3.11
N ASN A 51 -20.35 8.67 3.25
CA ASN A 51 -21.36 8.33 2.24
C ASN A 51 -22.18 7.11 2.67
N LYS A 52 -23.45 7.34 2.96
CA LYS A 52 -24.34 6.26 3.39
C LYS A 52 -25.69 6.37 2.70
N ARG A 53 -26.26 5.23 2.31
CA ARG A 53 -27.55 5.19 1.65
C ARG A 53 -28.07 3.76 1.55
N MET A 1 19.41 -26.69 -20.50
CA MET A 1 20.46 -27.55 -19.98
C MET A 1 21.47 -26.74 -19.17
N ALA A 2 21.57 -27.03 -17.88
CA ALA A 2 22.50 -26.33 -17.00
C ALA A 2 22.62 -27.04 -15.65
N ALA A 3 23.74 -26.83 -14.98
CA ALA A 3 23.98 -27.44 -13.68
C ALA A 3 25.16 -26.79 -12.97
N ILE A 4 24.94 -25.58 -12.46
CA ILE A 4 25.99 -24.86 -11.75
C ILE A 4 25.58 -24.55 -10.32
N GLU A 5 24.35 -24.08 -10.14
CA GLU A 5 23.84 -23.76 -8.82
C GLU A 5 22.35 -23.40 -8.89
N LYS A 6 21.56 -24.02 -8.01
CA LYS A 6 20.12 -23.77 -7.97
C LYS A 6 19.56 -24.07 -6.58
N ARG A 7 19.34 -23.01 -5.80
CA ARG A 7 18.80 -23.16 -4.45
C ARG A 7 17.68 -22.16 -4.20
N GLN A 8 16.44 -22.66 -4.21
CA GLN A 8 15.29 -21.80 -3.99
C GLN A 8 14.16 -22.58 -3.31
N LYS A 9 13.44 -21.92 -2.42
CA LYS A 9 12.33 -22.55 -1.70
C LYS A 9 11.02 -21.83 -2.00
N GLU A 10 9.91 -22.47 -1.61
CA GLU A 10 8.59 -21.89 -1.84
C GLU A 10 8.17 -21.00 -0.67
N ILE A 11 8.65 -21.34 0.52
CA ILE A 11 8.33 -20.58 1.72
C ILE A 11 8.81 -19.13 1.60
N ALA A 12 10.12 -18.96 1.52
CA ALA A 12 10.70 -17.63 1.39
C ALA A 12 10.13 -16.89 0.18
N ASP A 13 9.96 -17.61 -0.92
CA ASP A 13 9.42 -17.04 -2.15
C ASP A 13 8.05 -16.39 -1.89
N GLY A 14 7.13 -17.17 -1.34
CA GLY A 14 5.81 -16.66 -1.05
C GLY A 14 5.82 -15.60 0.03
N LEU A 15 6.76 -15.72 0.96
CA LEU A 15 6.88 -14.76 2.05
C LEU A 15 7.20 -13.36 1.54
N ALA A 16 8.27 -13.25 0.75
CA ALA A 16 8.68 -11.97 0.19
C ALA A 16 7.69 -11.51 -0.88
N SER A 17 7.17 -12.45 -1.65
CA SER A 17 6.21 -12.14 -2.71
C SER A 17 4.92 -11.57 -2.13
N ALA A 18 4.53 -12.10 -0.98
CA ALA A 18 3.31 -11.63 -0.31
C ALA A 18 3.56 -10.38 0.51
N GLU A 19 4.66 -10.38 1.26
CA GLU A 19 5.02 -9.25 2.10
C GLU A 19 5.24 -8.00 1.25
N ARG A 20 6.07 -8.13 0.22
CA ARG A 20 6.36 -7.01 -0.67
C ARG A 20 5.07 -6.39 -1.21
N ALA A 21 4.23 -7.24 -1.80
CA ALA A 21 2.97 -6.78 -2.36
C ALA A 21 2.12 -6.07 -1.31
N HIS A 22 1.97 -6.71 -0.16
CA HIS A 22 1.18 -6.14 0.93
C HIS A 22 1.69 -4.75 1.30
N LYS A 23 2.95 -4.68 1.70
CA LYS A 23 3.57 -3.41 2.08
C LYS A 23 3.40 -2.37 0.98
N ASP A 24 3.76 -2.74 -0.25
CA ASP A 24 3.66 -1.86 -1.39
C ASP A 24 2.24 -1.29 -1.51
N LEU A 25 1.26 -2.18 -1.55
CA LEU A 25 -0.14 -1.78 -1.67
C LEU A 25 -0.50 -0.78 -0.58
N ASP A 26 -0.18 -1.11 0.66
CA ASP A 26 -0.47 -0.23 1.79
C ASP A 26 0.15 1.14 1.58
N LEU A 27 1.39 1.15 1.11
CA LEU A 27 2.10 2.41 0.86
C LEU A 27 1.39 3.25 -0.20
N ALA A 28 1.19 2.66 -1.37
CA ALA A 28 0.51 3.35 -2.47
C ALA A 28 -0.85 3.87 -2.02
N LYS A 29 -1.69 2.97 -1.51
CA LYS A 29 -3.01 3.34 -1.05
C LYS A 29 -2.95 4.50 -0.07
N ALA A 30 -2.16 4.33 0.99
CA ALA A 30 -2.01 5.37 2.01
C ALA A 30 -1.65 6.71 1.37
N SER A 31 -0.65 6.69 0.50
CA SER A 31 -0.19 7.90 -0.17
C SER A 31 -1.34 8.57 -0.92
N ALA A 32 -2.08 7.76 -1.68
CA ALA A 32 -3.20 8.27 -2.46
C ALA A 32 -4.22 8.97 -1.55
N THR A 33 -4.65 8.27 -0.51
CA THR A 33 -5.62 8.81 0.43
C THR A 33 -5.12 10.12 1.04
N ASP A 34 -3.86 10.13 1.46
CA ASP A 34 -3.26 11.30 2.05
C ASP A 34 -3.28 12.48 1.08
N GLN A 35 -2.90 12.23 -0.16
CA GLN A 35 -2.88 13.26 -1.19
C GLN A 35 -4.29 13.79 -1.46
N LEU A 36 -5.23 12.87 -1.62
CA LEU A 36 -6.61 13.24 -1.89
C LEU A 36 -7.19 14.05 -0.73
N LYS A 37 -7.17 13.47 0.46
CA LYS A 37 -7.69 14.13 1.65
C LYS A 37 -7.01 15.49 1.85
N LYS A 38 -5.71 15.53 1.64
CA LYS A 38 -4.95 16.77 1.78
C LYS A 38 -5.42 17.83 0.79
N ALA A 39 -5.37 17.49 -0.49
CA ALA A 39 -5.79 18.41 -1.55
C ALA A 39 -7.23 18.87 -1.32
N LYS A 40 -8.08 17.94 -0.89
CA LYS A 40 -9.49 18.25 -0.64
C LYS A 40 -9.62 19.25 0.50
N ALA A 41 -9.16 18.86 1.68
CA ALA A 41 -9.23 19.72 2.85
C ALA A 41 -8.62 21.08 2.57
N GLU A 42 -7.57 21.11 1.73
CA GLU A 42 -6.90 22.35 1.38
C GLU A 42 -7.77 23.20 0.45
N ALA A 43 -8.26 22.58 -0.62
CA ALA A 43 -9.11 23.28 -1.58
C ALA A 43 -10.37 23.80 -0.91
N GLN A 44 -10.87 23.07 0.08
CA GLN A 44 -12.08 23.47 0.79
C GLN A 44 -11.75 24.48 1.88
N VAL A 45 -12.79 24.99 2.53
CA VAL A 45 -12.62 25.97 3.60
C VAL A 45 -11.64 25.46 4.66
N ILE A 46 -10.74 26.33 5.09
CA ILE A 46 -9.75 25.97 6.10
C ILE A 46 -10.42 25.42 7.36
N ILE A 47 -9.74 24.52 8.04
CA ILE A 47 -10.27 23.92 9.26
C ILE A 47 -10.70 25.00 10.25
N GLU A 48 -11.85 24.78 10.88
CA GLU A 48 -12.38 25.73 11.86
C GLU A 48 -12.03 25.30 13.29
N GLN A 49 -11.87 24.00 13.48
CA GLN A 49 -11.54 23.46 14.79
C GLN A 49 -10.33 24.16 15.39
N ALA A 50 -10.14 24.02 16.70
CA ALA A 50 -9.02 24.65 17.38
C ALA A 50 -7.70 24.06 16.90
N ASN A 51 -6.70 24.93 16.72
CA ASN A 51 -5.39 24.51 16.27
C ASN A 51 -4.39 25.66 16.33
N LYS A 52 -3.15 25.34 16.68
CA LYS A 52 -2.10 26.34 16.78
C LYS A 52 -1.01 26.11 15.73
N ARG A 53 -0.17 27.12 15.52
CA ARG A 53 0.91 27.02 14.54
C ARG A 53 2.26 26.94 15.24
N MET A 1 20.56 -15.56 -8.47
CA MET A 1 20.83 -14.66 -7.35
C MET A 1 20.99 -15.44 -6.04
N ALA A 2 21.55 -14.78 -5.03
CA ALA A 2 21.76 -15.41 -3.74
C ALA A 2 21.06 -14.64 -2.63
N ALA A 3 19.86 -15.06 -2.29
CA ALA A 3 19.08 -14.40 -1.24
C ALA A 3 19.87 -14.32 0.06
N ILE A 4 19.81 -13.17 0.71
CA ILE A 4 20.53 -12.96 1.97
C ILE A 4 19.89 -13.77 3.10
N GLU A 5 18.59 -13.59 3.29
CA GLU A 5 17.87 -14.31 4.33
C GLU A 5 16.88 -15.31 3.73
N LYS A 6 16.67 -16.40 4.44
CA LYS A 6 15.74 -17.45 3.98
C LYS A 6 15.14 -18.19 5.17
N ARG A 7 13.88 -18.59 5.02
CA ARG A 7 13.17 -19.31 6.07
C ARG A 7 13.17 -20.81 5.79
N GLN A 8 13.23 -21.16 4.52
CA GLN A 8 13.24 -22.57 4.11
C GLN A 8 13.38 -22.70 2.60
N LYS A 9 12.31 -22.35 1.88
CA LYS A 9 12.33 -22.42 0.42
C LYS A 9 11.02 -21.89 -0.16
N GLU A 10 9.95 -22.66 0.00
CA GLU A 10 8.64 -22.25 -0.51
C GLU A 10 8.08 -21.08 0.29
N ILE A 11 7.90 -21.30 1.60
CA ILE A 11 7.37 -20.26 2.47
C ILE A 11 8.16 -18.97 2.33
N ALA A 12 9.46 -19.09 2.08
CA ALA A 12 10.33 -17.93 1.92
C ALA A 12 9.94 -17.13 0.68
N ASP A 13 9.93 -17.78 -0.47
CA ASP A 13 9.57 -17.14 -1.73
C ASP A 13 8.20 -16.49 -1.64
N GLY A 14 7.25 -17.22 -1.06
CA GLY A 14 5.90 -16.69 -0.93
C GLY A 14 5.81 -15.57 0.10
N LEU A 15 6.67 -15.63 1.10
CA LEU A 15 6.69 -14.62 2.16
C LEU A 15 7.18 -13.28 1.61
N ALA A 16 8.30 -13.31 0.91
CA ALA A 16 8.86 -12.10 0.32
C ALA A 16 8.02 -11.60 -0.85
N SER A 17 7.50 -12.54 -1.63
CA SER A 17 6.68 -12.20 -2.80
C SER A 17 5.35 -11.57 -2.36
N ALA A 18 4.78 -12.10 -1.28
CA ALA A 18 3.53 -11.59 -0.75
C ALA A 18 3.74 -10.32 0.07
N GLU A 19 4.86 -10.28 0.78
CA GLU A 19 5.19 -9.12 1.62
C GLU A 19 5.43 -7.89 0.76
N ARG A 20 6.31 -8.03 -0.23
CA ARG A 20 6.64 -6.93 -1.13
C ARG A 20 5.38 -6.34 -1.75
N ALA A 21 4.48 -7.21 -2.20
CA ALA A 21 3.24 -6.79 -2.82
C ALA A 21 2.35 -6.06 -1.82
N HIS A 22 2.16 -6.68 -0.66
CA HIS A 22 1.33 -6.09 0.39
C HIS A 22 1.84 -4.71 0.77
N LYS A 23 3.12 -4.62 1.10
CA LYS A 23 3.73 -3.35 1.49
C LYS A 23 3.56 -2.31 0.39
N ASP A 24 3.92 -2.70 -0.84
CA ASP A 24 3.80 -1.79 -1.98
C ASP A 24 2.39 -1.26 -2.11
N LEU A 25 1.42 -2.17 -2.15
CA LEU A 25 0.01 -1.80 -2.28
C LEU A 25 -0.41 -0.89 -1.13
N ASP A 26 -0.11 -1.30 0.09
CA ASP A 26 -0.46 -0.52 1.27
C ASP A 26 0.03 0.91 1.14
N LEU A 27 1.31 1.06 0.81
CA LEU A 27 1.92 2.38 0.66
C LEU A 27 1.19 3.19 -0.41
N ALA A 28 0.94 2.56 -1.56
CA ALA A 28 0.25 3.22 -2.66
C ALA A 28 -1.08 3.79 -2.20
N LYS A 29 -1.91 2.94 -1.60
CA LYS A 29 -3.22 3.37 -1.11
C LYS A 29 -3.09 4.51 -0.11
N ALA A 30 -2.19 4.35 0.86
CA ALA A 30 -1.96 5.36 1.88
C ALA A 30 -1.57 6.69 1.24
N SER A 31 -0.68 6.63 0.25
CA SER A 31 -0.22 7.83 -0.44
C SER A 31 -1.38 8.53 -1.15
N ALA A 32 -2.13 7.76 -1.93
CA ALA A 32 -3.27 8.31 -2.67
C ALA A 32 -4.28 8.94 -1.72
N THR A 33 -4.60 8.24 -0.64
CA THR A 33 -5.56 8.74 0.34
C THR A 33 -5.07 10.02 0.99
N ASP A 34 -3.80 10.03 1.40
CA ASP A 34 -3.21 11.20 2.04
C ASP A 34 -3.31 12.42 1.12
N GLN A 35 -2.93 12.23 -0.14
CA GLN A 35 -2.96 13.31 -1.12
C GLN A 35 -4.39 13.83 -1.29
N LEU A 36 -5.31 12.93 -1.59
CA LEU A 36 -6.72 13.29 -1.79
C LEU A 36 -7.24 14.09 -0.60
N LYS A 37 -6.97 13.58 0.60
CA LYS A 37 -7.42 14.24 1.82
C LYS A 37 -6.80 15.63 1.94
N LYS A 38 -5.48 15.70 1.75
CA LYS A 38 -4.77 16.97 1.83
C LYS A 38 -5.37 18.01 0.91
N ALA A 39 -5.47 17.67 -0.38
CA ALA A 39 -6.05 18.56 -1.37
C ALA A 39 -7.44 19.01 -0.97
N LYS A 40 -8.29 18.04 -0.62
CA LYS A 40 -9.66 18.32 -0.21
C LYS A 40 -9.69 19.31 0.95
N ALA A 41 -9.05 18.93 2.05
CA ALA A 41 -8.99 19.79 3.23
C ALA A 41 -8.49 21.18 2.89
N GLU A 42 -7.42 21.25 2.11
CA GLU A 42 -6.84 22.51 1.70
C GLU A 42 -7.84 23.33 0.89
N ALA A 43 -8.62 22.65 0.07
CA ALA A 43 -9.62 23.31 -0.77
C ALA A 43 -10.98 23.32 -0.09
N GLN A 44 -10.99 23.06 1.22
CA GLN A 44 -12.22 23.03 1.98
C GLN A 44 -12.75 24.45 2.21
N VAL A 45 -11.83 25.38 2.46
CA VAL A 45 -12.20 26.77 2.70
C VAL A 45 -12.40 27.52 1.38
N ILE A 46 -11.55 27.24 0.40
CA ILE A 46 -11.64 27.88 -0.89
C ILE A 46 -11.86 26.85 -2.00
N ILE A 47 -12.69 27.22 -2.98
CA ILE A 47 -12.98 26.33 -4.09
C ILE A 47 -11.75 26.13 -4.98
N GLU A 48 -11.61 24.92 -5.52
CA GLU A 48 -10.49 24.60 -6.38
C GLU A 48 -10.64 23.20 -6.97
N GLN A 49 -11.34 23.11 -8.10
CA GLN A 49 -11.56 21.83 -8.76
C GLN A 49 -10.39 21.49 -9.67
N ALA A 50 -9.33 20.94 -9.09
CA ALA A 50 -8.14 20.57 -9.85
C ALA A 50 -7.47 19.34 -9.25
N ASN A 51 -7.26 18.31 -10.07
CA ASN A 51 -6.63 17.09 -9.62
C ASN A 51 -5.83 16.43 -10.75
N LYS A 52 -4.52 16.65 -10.73
CA LYS A 52 -3.65 16.09 -11.75
C LYS A 52 -3.18 14.69 -11.36
N ARG A 53 -3.26 13.76 -12.29
CA ARG A 53 -2.86 12.39 -12.04
C ARG A 53 -3.69 11.75 -10.93
N MET A 1 6.26 -21.87 15.30
CA MET A 1 7.10 -22.07 14.12
C MET A 1 7.67 -23.49 14.09
N ALA A 2 7.07 -24.35 13.29
CA ALA A 2 7.52 -25.73 13.16
C ALA A 2 6.84 -26.43 12.00
N ALA A 3 7.06 -25.91 10.79
CA ALA A 3 6.47 -26.48 9.59
C ALA A 3 6.81 -27.96 9.47
N ILE A 4 5.83 -28.82 9.74
CA ILE A 4 6.03 -30.26 9.66
C ILE A 4 6.18 -30.71 8.21
N GLU A 5 5.36 -30.16 7.34
CA GLU A 5 5.40 -30.51 5.92
C GLU A 5 6.19 -29.46 5.13
N LYS A 6 7.51 -29.57 5.19
CA LYS A 6 8.39 -28.63 4.48
C LYS A 6 8.88 -29.23 3.17
N ARG A 7 8.67 -28.52 2.08
CA ARG A 7 9.10 -28.98 0.75
C ARG A 7 10.57 -28.66 0.52
N GLN A 8 10.86 -27.40 0.26
CA GLN A 8 12.24 -26.97 0.01
C GLN A 8 12.49 -25.57 0.55
N LYS A 9 11.80 -24.59 -0.05
CA LYS A 9 11.95 -23.19 0.36
C LYS A 9 10.94 -22.31 -0.37
N GLU A 10 9.70 -22.76 -0.43
CA GLU A 10 8.64 -22.01 -1.11
C GLU A 10 8.16 -20.86 -0.22
N ILE A 11 8.11 -21.10 1.08
CA ILE A 11 7.65 -20.08 2.03
C ILE A 11 8.46 -18.79 1.87
N ALA A 12 9.73 -18.93 1.53
CA ALA A 12 10.60 -17.78 1.34
C ALA A 12 10.12 -16.92 0.18
N ASP A 13 9.96 -17.53 -0.99
CA ASP A 13 9.51 -16.82 -2.18
C ASP A 13 8.15 -16.18 -1.94
N GLY A 14 7.23 -16.94 -1.37
CA GLY A 14 5.90 -16.42 -1.10
C GLY A 14 5.90 -15.35 -0.03
N LEU A 15 6.84 -15.43 0.90
CA LEU A 15 6.95 -14.45 1.97
C LEU A 15 7.41 -13.10 1.44
N ALA A 16 8.50 -13.12 0.68
CA ALA A 16 9.05 -11.90 0.10
C ALA A 16 8.13 -11.34 -0.97
N SER A 17 7.54 -12.22 -1.76
CA SER A 17 6.65 -11.81 -2.83
C SER A 17 5.37 -11.20 -2.26
N ALA A 18 4.84 -11.81 -1.22
CA ALA A 18 3.62 -11.33 -0.57
C ALA A 18 3.91 -10.11 0.31
N GLU A 19 5.13 -10.05 0.82
CA GLU A 19 5.53 -8.93 1.67
C GLU A 19 5.68 -7.65 0.86
N ARG A 20 6.46 -7.72 -0.21
CA ARG A 20 6.68 -6.57 -1.08
C ARG A 20 5.36 -6.05 -1.65
N ALA A 21 4.53 -6.98 -2.12
CA ALA A 21 3.25 -6.63 -2.70
C ALA A 21 2.32 -6.02 -1.65
N HIS A 22 2.12 -6.75 -0.55
CA HIS A 22 1.26 -6.28 0.53
C HIS A 22 1.69 -4.89 1.01
N LYS A 23 2.97 -4.76 1.34
CA LYS A 23 3.51 -3.49 1.82
C LYS A 23 3.31 -2.39 0.78
N ASP A 24 3.61 -2.71 -0.48
CA ASP A 24 3.46 -1.76 -1.57
C ASP A 24 2.01 -1.28 -1.67
N LEU A 25 1.08 -2.22 -1.67
CA LEU A 25 -0.34 -1.90 -1.77
C LEU A 25 -0.77 -0.99 -0.63
N ASP A 26 -0.38 -1.35 0.59
CA ASP A 26 -0.73 -0.56 1.76
C ASP A 26 -0.17 0.86 1.65
N LEU A 27 1.12 0.96 1.36
CA LEU A 27 1.78 2.26 1.22
C LEU A 27 1.11 3.09 0.12
N ALA A 28 0.90 2.47 -1.04
CA ALA A 28 0.26 3.15 -2.16
C ALA A 28 -1.11 3.68 -1.78
N LYS A 29 -1.98 2.78 -1.33
CA LYS A 29 -3.34 3.17 -0.93
C LYS A 29 -3.30 4.31 0.08
N ALA A 30 -2.52 4.13 1.14
CA ALA A 30 -2.41 5.16 2.17
C ALA A 30 -2.01 6.50 1.58
N SER A 31 -1.07 6.47 0.64
CA SER A 31 -0.60 7.69 -0.02
C SER A 31 -1.71 8.32 -0.85
N ALA A 32 -2.51 7.48 -1.48
CA ALA A 32 -3.62 7.96 -2.31
C ALA A 32 -4.67 8.68 -1.46
N THR A 33 -5.19 7.99 -0.46
CA THR A 33 -6.20 8.55 0.42
C THR A 33 -5.67 9.80 1.13
N ASP A 34 -4.44 9.72 1.63
CA ASP A 34 -3.82 10.83 2.32
C ASP A 34 -3.70 12.05 1.42
N GLN A 35 -3.23 11.82 0.19
CA GLN A 35 -3.07 12.91 -0.77
C GLN A 35 -4.43 13.50 -1.15
N LEU A 36 -5.41 12.64 -1.36
CA LEU A 36 -6.75 13.09 -1.72
C LEU A 36 -7.34 13.99 -0.64
N LYS A 37 -7.26 13.54 0.61
CA LYS A 37 -7.78 14.31 1.73
C LYS A 37 -7.03 15.64 1.87
N LYS A 38 -5.71 15.58 1.83
CA LYS A 38 -4.88 16.77 1.95
C LYS A 38 -5.20 17.77 0.83
N ALA A 39 -5.26 17.27 -0.40
CA ALA A 39 -5.56 18.12 -1.55
C ALA A 39 -6.92 18.77 -1.40
N LYS A 40 -7.92 17.99 -1.00
CA LYS A 40 -9.27 18.49 -0.82
C LYS A 40 -9.32 19.54 0.28
N ALA A 41 -8.91 19.15 1.49
CA ALA A 41 -8.90 20.06 2.63
C ALA A 41 -8.13 21.34 2.30
N GLU A 42 -6.97 21.18 1.67
CA GLU A 42 -6.14 22.32 1.30
C GLU A 42 -6.83 23.18 0.25
N ALA A 43 -7.52 22.53 -0.67
CA ALA A 43 -8.23 23.24 -1.73
C ALA A 43 -9.34 24.13 -1.16
N GLN A 44 -9.95 23.67 -0.07
CA GLN A 44 -11.02 24.43 0.57
C GLN A 44 -10.48 25.23 1.75
N VAL A 45 -11.21 26.28 2.12
CA VAL A 45 -10.82 27.13 3.23
C VAL A 45 -11.00 26.42 4.57
N ILE A 46 -10.03 26.58 5.46
CA ILE A 46 -10.08 25.95 6.78
C ILE A 46 -11.09 26.66 7.69
N ILE A 47 -12.38 26.44 7.43
CA ILE A 47 -13.43 27.04 8.22
C ILE A 47 -14.39 25.99 8.76
N GLU A 48 -15.37 26.43 9.54
CA GLU A 48 -16.35 25.52 10.12
C GLU A 48 -17.19 24.86 9.04
N GLN A 49 -18.23 24.15 9.45
CA GLN A 49 -19.11 23.47 8.51
C GLN A 49 -20.51 24.10 8.52
N ALA A 50 -21.06 24.31 7.32
CA ALA A 50 -22.39 24.90 7.19
C ALA A 50 -22.82 24.97 5.73
N ASN A 51 -24.04 25.41 5.50
CA ASN A 51 -24.57 25.53 4.14
C ASN A 51 -24.49 26.96 3.65
N LYS A 52 -24.07 27.13 2.39
CA LYS A 52 -23.94 28.45 1.80
C LYS A 52 -24.94 28.63 0.67
N ARG A 53 -25.22 29.89 0.32
CA ARG A 53 -26.17 30.19 -0.75
C ARG A 53 -25.65 31.34 -1.61
N MET A 1 13.33 -37.21 15.98
CA MET A 1 12.32 -36.36 15.35
C MET A 1 12.95 -35.09 14.80
N ALA A 2 13.01 -34.97 13.48
CA ALA A 2 13.58 -33.80 12.84
C ALA A 2 13.22 -33.75 11.36
N ALA A 3 13.35 -32.58 10.76
CA ALA A 3 13.03 -32.40 9.34
C ALA A 3 14.08 -33.08 8.46
N ILE A 4 13.66 -34.12 7.75
CA ILE A 4 14.57 -34.85 6.86
C ILE A 4 14.99 -33.99 5.68
N GLU A 5 14.15 -33.02 5.33
CA GLU A 5 14.44 -32.13 4.21
C GLU A 5 13.45 -30.98 4.16
N LYS A 6 13.30 -30.28 5.28
CA LYS A 6 12.38 -29.16 5.37
C LYS A 6 12.96 -28.04 6.24
N ARG A 7 13.21 -26.88 5.63
CA ARG A 7 13.76 -25.75 6.34
C ARG A 7 13.16 -24.44 5.84
N GLN A 8 13.58 -24.02 4.65
CA GLN A 8 13.09 -22.78 4.06
C GLN A 8 13.44 -22.71 2.58
N LYS A 9 12.43 -22.84 1.72
CA LYS A 9 12.62 -22.77 0.29
C LYS A 9 11.47 -22.06 -0.40
N GLU A 10 10.25 -22.56 -0.18
CA GLU A 10 9.07 -21.98 -0.78
C GLU A 10 8.53 -20.83 0.08
N ILE A 11 8.49 -21.05 1.39
CA ILE A 11 8.01 -20.04 2.33
C ILE A 11 8.73 -18.71 2.11
N ALA A 12 10.00 -18.78 1.74
CA ALA A 12 10.80 -17.59 1.50
C ALA A 12 10.26 -16.80 0.31
N ASP A 13 10.15 -17.46 -0.83
CA ASP A 13 9.65 -16.82 -2.05
C ASP A 13 8.27 -16.22 -1.81
N GLY A 14 7.39 -17.00 -1.18
CA GLY A 14 6.04 -16.53 -0.91
C GLY A 14 6.02 -15.43 0.13
N LEU A 15 6.97 -15.46 1.05
CA LEU A 15 7.05 -14.45 2.11
C LEU A 15 7.41 -13.08 1.53
N ALA A 16 8.48 -13.05 0.73
CA ALA A 16 8.92 -11.80 0.12
C ALA A 16 7.96 -11.35 -0.97
N SER A 17 7.41 -12.32 -1.69
CA SER A 17 6.47 -12.02 -2.77
C SER A 17 5.16 -11.45 -2.22
N ALA A 18 4.72 -12.00 -1.09
CA ALA A 18 3.50 -11.55 -0.46
C ALA A 18 3.72 -10.28 0.36
N GLU A 19 4.89 -10.20 1.00
CA GLU A 19 5.23 -9.04 1.82
C GLU A 19 5.37 -7.79 0.95
N ARG A 20 6.16 -7.90 -0.12
CA ARG A 20 6.38 -6.79 -1.02
C ARG A 20 5.07 -6.32 -1.63
N ALA A 21 4.22 -7.27 -2.02
CA ALA A 21 2.93 -6.95 -2.61
C ALA A 21 2.04 -6.21 -1.62
N HIS A 22 1.84 -6.80 -0.45
CA HIS A 22 1.01 -6.20 0.59
C HIS A 22 1.50 -4.80 0.94
N LYS A 23 2.81 -4.68 1.17
CA LYS A 23 3.41 -3.39 1.51
C LYS A 23 3.15 -2.36 0.42
N ASP A 24 3.48 -2.73 -0.82
CA ASP A 24 3.28 -1.83 -1.95
C ASP A 24 1.85 -1.31 -2.00
N LEU A 25 0.89 -2.23 -2.05
CA LEU A 25 -0.52 -1.87 -2.08
C LEU A 25 -0.88 -0.94 -0.92
N ASP A 26 -0.39 -1.29 0.27
CA ASP A 26 -0.65 -0.49 1.46
C ASP A 26 -0.19 0.95 1.27
N LEU A 27 1.10 1.12 1.04
CA LEU A 27 1.69 2.45 0.84
C LEU A 27 0.97 3.19 -0.28
N ALA A 28 0.68 2.47 -1.36
CA ALA A 28 0.00 3.06 -2.51
C ALA A 28 -1.36 3.63 -2.10
N LYS A 29 -2.20 2.78 -1.52
CA LYS A 29 -3.53 3.18 -1.09
C LYS A 29 -3.44 4.33 -0.08
N ALA A 30 -2.69 4.12 0.99
CA ALA A 30 -2.52 5.14 2.02
C ALA A 30 -2.09 6.47 1.41
N SER A 31 -1.04 6.43 0.59
CA SER A 31 -0.53 7.63 -0.05
C SER A 31 -1.61 8.31 -0.89
N ALA A 32 -2.38 7.48 -1.61
CA ALA A 32 -3.46 7.99 -2.45
C ALA A 32 -4.48 8.78 -1.63
N THR A 33 -5.13 8.09 -0.70
CA THR A 33 -6.13 8.71 0.15
C THR A 33 -5.54 9.88 0.93
N ASP A 34 -4.27 9.76 1.29
CA ASP A 34 -3.59 10.81 2.04
C ASP A 34 -3.44 12.08 1.19
N GLN A 35 -2.80 11.95 0.04
CA GLN A 35 -2.61 13.08 -0.86
C GLN A 35 -3.94 13.70 -1.26
N LEU A 36 -4.89 12.86 -1.63
CA LEU A 36 -6.22 13.32 -2.03
C LEU A 36 -6.90 14.08 -0.89
N LYS A 37 -7.06 13.41 0.24
CA LYS A 37 -7.68 14.02 1.41
C LYS A 37 -7.02 15.34 1.76
N LYS A 38 -5.69 15.36 1.69
CA LYS A 38 -4.92 16.56 2.01
C LYS A 38 -5.25 17.69 1.03
N ALA A 39 -5.17 17.39 -0.26
CA ALA A 39 -5.46 18.38 -1.29
C ALA A 39 -6.85 18.98 -1.08
N LYS A 40 -7.83 18.14 -0.79
CA LYS A 40 -9.19 18.60 -0.58
C LYS A 40 -9.27 19.52 0.64
N ALA A 41 -8.80 19.02 1.78
CA ALA A 41 -8.82 19.80 3.01
C ALA A 41 -8.13 21.15 2.82
N GLU A 42 -7.08 21.16 1.99
CA GLU A 42 -6.34 22.39 1.73
C GLU A 42 -7.13 23.32 0.81
N ALA A 43 -7.83 22.72 -0.15
CA ALA A 43 -8.63 23.49 -1.09
C ALA A 43 -9.63 24.39 -0.36
N GLN A 44 -10.07 23.95 0.81
CA GLN A 44 -11.02 24.72 1.61
C GLN A 44 -11.34 24.00 2.91
N VAL A 45 -11.98 22.84 2.81
CA VAL A 45 -12.34 22.06 3.99
C VAL A 45 -12.33 20.57 3.67
N ILE A 46 -12.24 19.75 4.72
CA ILE A 46 -12.22 18.31 4.57
C ILE A 46 -13.50 17.80 3.92
N ILE A 47 -13.51 16.52 3.56
CA ILE A 47 -14.69 15.92 2.94
C ILE A 47 -15.65 15.36 3.99
N GLU A 48 -15.25 14.26 4.60
CA GLU A 48 -16.07 13.62 5.63
C GLU A 48 -15.32 12.46 6.28
N GLN A 49 -15.66 12.18 7.54
CA GLN A 49 -15.03 11.09 8.28
C GLN A 49 -15.85 9.81 8.19
N ALA A 50 -15.34 8.85 7.42
CA ALA A 50 -16.03 7.58 7.25
C ALA A 50 -15.11 6.40 7.58
N ASN A 51 -14.14 6.67 8.45
CA ASN A 51 -13.19 5.63 8.86
C ASN A 51 -13.43 5.22 10.31
N LYS A 52 -13.92 6.16 11.11
CA LYS A 52 -14.19 5.90 12.52
C LYS A 52 -15.56 6.44 12.92
N ARG A 53 -16.02 6.05 14.11
CA ARG A 53 -17.31 6.49 14.60
C ARG A 53 -17.14 7.66 15.58
N MET A 1 29.38 -35.39 -10.63
CA MET A 1 28.90 -34.41 -9.66
C MET A 1 28.50 -33.12 -10.35
N ALA A 2 27.22 -32.80 -10.31
CA ALA A 2 26.71 -31.58 -10.93
C ALA A 2 25.38 -31.16 -10.31
N ALA A 3 24.40 -32.06 -10.36
CA ALA A 3 23.08 -31.79 -9.81
C ALA A 3 22.59 -32.95 -8.96
N ILE A 4 22.36 -32.69 -7.68
CA ILE A 4 21.88 -33.72 -6.76
C ILE A 4 20.59 -33.30 -6.08
N GLU A 5 20.64 -32.17 -5.37
CA GLU A 5 19.46 -31.66 -4.68
C GLU A 5 19.37 -30.14 -4.82
N LYS A 6 18.29 -29.68 -5.44
CA LYS A 6 18.07 -28.25 -5.65
C LYS A 6 16.63 -27.87 -5.37
N ARG A 7 16.26 -27.84 -4.10
CA ARG A 7 14.89 -27.49 -3.70
C ARG A 7 14.84 -26.11 -3.07
N GLN A 8 14.29 -25.14 -3.81
CA GLN A 8 14.18 -23.78 -3.32
C GLN A 8 13.02 -23.63 -2.34
N LYS A 9 13.31 -23.14 -1.14
CA LYS A 9 12.29 -22.94 -0.12
C LYS A 9 11.14 -22.08 -0.65
N GLU A 10 10.02 -22.73 -0.94
CA GLU A 10 8.85 -22.02 -1.45
C GLU A 10 8.29 -21.06 -0.41
N ILE A 11 8.45 -21.42 0.86
CA ILE A 11 7.97 -20.58 1.96
C ILE A 11 8.55 -19.19 1.89
N ALA A 12 9.88 -19.10 1.93
CA ALA A 12 10.57 -17.81 1.86
C ALA A 12 10.16 -17.03 0.61
N ASP A 13 10.08 -17.72 -0.52
CA ASP A 13 9.69 -17.10 -1.77
C ASP A 13 8.35 -16.40 -1.64
N GLY A 14 7.34 -17.14 -1.21
CA GLY A 14 6.01 -16.58 -1.04
C GLY A 14 5.95 -15.53 0.05
N LEU A 15 6.80 -15.70 1.07
CA LEU A 15 6.85 -14.77 2.18
C LEU A 15 7.29 -13.38 1.72
N ALA A 16 8.45 -13.32 1.07
CA ALA A 16 8.99 -12.07 0.58
C ALA A 16 8.16 -11.54 -0.59
N SER A 17 7.74 -12.45 -1.47
CA SER A 17 6.94 -12.07 -2.63
C SER A 17 5.61 -11.45 -2.21
N ALA A 18 5.00 -12.03 -1.17
CA ALA A 18 3.73 -11.53 -0.66
C ALA A 18 3.93 -10.29 0.19
N GLU A 19 5.04 -10.25 0.92
CA GLU A 19 5.34 -9.12 1.80
C GLU A 19 5.52 -7.84 0.98
N ARG A 20 6.35 -7.91 -0.05
CA ARG A 20 6.60 -6.76 -0.91
C ARG A 20 5.30 -6.26 -1.53
N ALA A 21 4.50 -7.17 -2.05
CA ALA A 21 3.23 -6.82 -2.67
C ALA A 21 2.32 -6.09 -1.69
N HIS A 22 2.18 -6.66 -0.49
CA HIS A 22 1.33 -6.07 0.54
C HIS A 22 1.81 -4.66 0.89
N LYS A 23 3.10 -4.55 1.24
CA LYS A 23 3.68 -3.27 1.60
C LYS A 23 3.44 -2.23 0.50
N ASP A 24 3.72 -2.62 -0.73
CA ASP A 24 3.53 -1.73 -1.87
C ASP A 24 2.08 -1.29 -1.99
N LEU A 25 1.17 -2.26 -2.06
CA LEU A 25 -0.24 -1.97 -2.18
C LEU A 25 -0.71 -1.07 -1.04
N ASP A 26 -0.27 -1.37 0.17
CA ASP A 26 -0.64 -0.58 1.34
C ASP A 26 -0.18 0.86 1.19
N LEU A 27 1.13 1.04 1.00
CA LEU A 27 1.70 2.37 0.85
C LEU A 27 0.98 3.15 -0.25
N ALA A 28 0.63 2.46 -1.33
CA ALA A 28 -0.06 3.09 -2.44
C ALA A 28 -1.43 3.62 -2.01
N LYS A 29 -2.28 2.71 -1.53
CA LYS A 29 -3.62 3.08 -1.08
C LYS A 29 -3.55 4.23 -0.08
N ALA A 30 -2.70 4.08 0.93
CA ALA A 30 -2.55 5.11 1.96
C ALA A 30 -2.12 6.43 1.34
N SER A 31 -1.09 6.39 0.51
CA SER A 31 -0.59 7.60 -0.15
C SER A 31 -1.69 8.30 -0.92
N ALA A 32 -2.52 7.52 -1.60
CA ALA A 32 -3.63 8.06 -2.39
C ALA A 32 -4.63 8.78 -1.49
N THR A 33 -5.15 8.05 -0.50
CA THR A 33 -6.12 8.62 0.43
C THR A 33 -5.61 9.90 1.06
N ASP A 34 -4.39 9.85 1.59
CA ASP A 34 -3.78 11.01 2.22
C ASP A 34 -3.72 12.19 1.25
N GLN A 35 -3.19 11.93 0.05
CA GLN A 35 -3.07 12.96 -0.96
C GLN A 35 -4.41 13.64 -1.22
N LEU A 36 -5.45 12.83 -1.38
CA LEU A 36 -6.80 13.35 -1.63
C LEU A 36 -7.26 14.23 -0.48
N LYS A 37 -7.27 13.68 0.72
CA LYS A 37 -7.69 14.42 1.91
C LYS A 37 -6.94 15.74 2.02
N LYS A 38 -5.64 15.69 1.74
CA LYS A 38 -4.81 16.88 1.80
C LYS A 38 -5.21 17.90 0.74
N ALA A 39 -5.51 17.41 -0.45
CA ALA A 39 -5.93 18.28 -1.55
C ALA A 39 -7.21 19.04 -1.20
N LYS A 40 -8.24 18.30 -0.81
CA LYS A 40 -9.51 18.91 -0.45
C LYS A 40 -9.34 19.86 0.72
N ALA A 41 -8.62 19.42 1.74
CA ALA A 41 -8.38 20.24 2.93
C ALA A 41 -7.78 21.58 2.55
N GLU A 42 -6.74 21.55 1.72
CA GLU A 42 -6.07 22.78 1.27
C GLU A 42 -7.01 23.62 0.41
N ALA A 43 -7.84 22.96 -0.39
CA ALA A 43 -8.78 23.66 -1.26
C ALA A 43 -10.11 23.87 -0.56
N GLN A 44 -10.12 23.71 0.76
CA GLN A 44 -11.33 23.88 1.54
C GLN A 44 -11.91 25.28 1.36
N VAL A 45 -11.04 26.23 1.02
CA VAL A 45 -11.46 27.61 0.82
C VAL A 45 -12.58 27.70 -0.21
N ILE A 46 -12.55 26.80 -1.19
CA ILE A 46 -13.56 26.76 -2.24
C ILE A 46 -14.39 25.48 -2.17
N ILE A 47 -15.70 25.64 -2.31
CA ILE A 47 -16.62 24.50 -2.26
C ILE A 47 -16.46 23.62 -3.50
N GLU A 48 -16.59 22.32 -3.31
CA GLU A 48 -16.47 21.37 -4.41
C GLU A 48 -17.23 20.08 -4.11
N GLN A 49 -18.20 19.76 -4.96
CA GLN A 49 -19.01 18.55 -4.78
C GLN A 49 -18.91 17.65 -6.00
N ALA A 50 -19.10 16.35 -5.79
CA ALA A 50 -19.02 15.38 -6.87
C ALA A 50 -20.22 15.51 -7.81
N ASN A 51 -20.23 14.72 -8.87
CA ASN A 51 -21.33 14.74 -9.84
C ASN A 51 -21.77 13.33 -10.19
N LYS A 52 -23.06 13.08 -10.06
CA LYS A 52 -23.63 11.76 -10.37
C LYS A 52 -25.01 11.89 -10.99
N ARG A 53 -25.56 10.78 -11.47
CA ARG A 53 -26.87 10.78 -12.09
C ARG A 53 -26.94 11.77 -13.24
#